data_7T6G
#
_entry.id   7T6G
#
_cell.length_a   1.000
_cell.length_b   1.000
_cell.length_c   1.000
_cell.angle_alpha   90.00
_cell.angle_beta   90.00
_cell.angle_gamma   90.00
#
_symmetry.space_group_name_H-M   'P 1'
#
_entity_poly.entity_id   1
_entity_poly.type   'polypeptide(L)'
_entity_poly.pdbx_seq_one_letter_code
;TPEEHDLLMDLMGDPKKAEE
;
_entity_poly.pdbx_strand_id   A
#
# COMPACT_ATOMS: atom_id res chain seq x y z
N THR A 1 -2.72 -12.95 11.76
CA THR A 1 -3.48 -12.69 10.54
C THR A 1 -3.44 -11.21 10.18
N PRO A 2 -2.26 -10.74 9.74
CA PRO A 2 -2.05 -9.34 9.35
C PRO A 2 -2.78 -8.99 8.05
N GLU A 3 -2.51 -7.80 7.54
CA GLU A 3 -3.14 -7.34 6.30
C GLU A 3 -2.09 -6.87 5.30
N GLU A 4 -0.95 -7.55 5.28
CA GLU A 4 0.14 -7.20 4.37
C GLU A 4 -0.37 -7.12 2.93
N HIS A 5 -1.29 -8.01 2.58
CA HIS A 5 -1.85 -8.03 1.24
C HIS A 5 -2.73 -6.82 0.99
N ASP A 6 -3.46 -6.40 2.02
CA ASP A 6 -4.34 -5.24 1.92
C ASP A 6 -3.54 -3.97 1.61
N LEU A 7 -2.55 -3.69 2.43
CA LEU A 7 -1.71 -2.51 2.26
C LEU A 7 -0.88 -2.62 0.98
N LEU A 8 -0.43 -3.83 0.68
CA LEU A 8 0.37 -4.08 -0.52
C LEU A 8 -0.41 -3.75 -1.78
N MET A 9 -1.69 -4.14 -1.81
CA MET A 9 -2.55 -3.87 -2.95
C MET A 9 -3.59 -2.82 -2.61
N ASP A 10 -3.20 -1.83 -1.82
CA ASP A 10 -4.11 -0.75 -1.43
C ASP A 10 -4.41 0.16 -2.61
N LEU A 11 -5.31 1.12 -2.39
CA LEU A 11 -5.70 2.06 -3.43
C LEU A 11 -5.20 3.46 -3.10
N MET A 12 -5.24 3.82 -1.82
CA MET A 12 -4.78 5.13 -1.38
C MET A 12 -3.37 5.06 -0.82
N GLY A 13 -2.57 4.15 -1.36
CA GLY A 13 -1.20 4.00 -0.90
C GLY A 13 -1.12 3.50 0.53
N ASP A 14 -0.71 4.37 1.44
CA ASP A 14 -0.59 4.02 2.85
C ASP A 14 -1.56 4.83 3.70
N PRO A 15 -1.85 4.33 4.91
CA PRO A 15 -2.77 5.00 5.83
C PRO A 15 -2.18 6.29 6.40
N LYS A 16 -0.91 6.24 6.79
CA LYS A 16 -0.23 7.40 7.34
C LYS A 16 -1.04 8.01 8.49
N LYS A 17 -1.13 7.27 9.59
CA LYS A 17 -1.87 7.73 10.76
C LYS A 17 -1.41 9.12 11.19
N ALA A 18 -0.11 9.37 11.06
CA ALA A 18 0.46 10.66 11.42
C ALA A 18 1.19 11.30 10.24
N GLU A 19 0.83 12.55 9.94
CA GLU A 19 1.45 13.26 8.83
C GLU A 19 2.63 14.10 9.31
N GLU A 20 2.50 14.65 10.51
CA GLU A 20 3.55 15.48 11.09
C GLU A 20 3.92 15.01 12.49
N THR A 1 -1.86 -13.68 10.66
CA THR A 1 -2.60 -13.29 9.47
C THR A 1 -2.81 -11.79 9.41
N PRO A 2 -1.71 -11.04 9.20
CA PRO A 2 -1.74 -9.58 9.12
C PRO A 2 -2.46 -9.08 7.87
N GLU A 3 -2.39 -7.77 7.64
CA GLU A 3 -3.02 -7.17 6.47
C GLU A 3 -1.98 -6.71 5.46
N GLU A 4 -0.93 -7.50 5.30
CA GLU A 4 0.14 -7.18 4.36
C GLU A 4 -0.39 -7.11 2.93
N HIS A 5 -1.18 -8.10 2.56
CA HIS A 5 -1.76 -8.15 1.21
C HIS A 5 -2.71 -6.98 0.99
N ASP A 6 -3.44 -6.60 2.03
CA ASP A 6 -4.38 -5.49 1.94
C ASP A 6 -3.67 -4.19 1.61
N LEU A 7 -2.71 -3.82 2.46
CA LEU A 7 -1.95 -2.59 2.26
C LEU A 7 -1.11 -2.66 0.99
N LEU A 8 -0.60 -3.85 0.69
CA LEU A 8 0.22 -4.06 -0.50
C LEU A 8 -0.55 -3.65 -1.76
N MET A 9 -1.77 -4.14 -1.89
CA MET A 9 -2.61 -3.81 -3.04
C MET A 9 -3.57 -2.68 -2.72
N ASP A 10 -3.11 -1.72 -1.91
CA ASP A 10 -3.93 -0.58 -1.53
C ASP A 10 -3.96 0.47 -2.63
N LEU A 11 -4.86 1.43 -2.50
CA LEU A 11 -5.00 2.49 -3.49
C LEU A 11 -4.66 3.85 -2.88
N MET A 12 -5.07 4.05 -1.63
CA MET A 12 -4.81 5.30 -0.93
C MET A 12 -3.45 5.26 -0.23
N GLY A 13 -2.90 6.43 0.05
CA GLY A 13 -1.62 6.51 0.73
C GLY A 13 -0.49 5.97 -0.13
N ASP A 14 0.75 6.20 0.31
CA ASP A 14 1.92 5.74 -0.42
C ASP A 14 2.51 4.50 0.24
N PRO A 15 3.31 3.75 -0.52
CA PRO A 15 3.96 2.53 -0.03
C PRO A 15 5.04 2.82 1.00
N LYS A 16 5.77 3.91 0.79
CA LYS A 16 6.85 4.30 1.70
C LYS A 16 6.31 5.23 2.80
N LYS A 17 5.21 4.82 3.41
CA LYS A 17 4.60 5.60 4.48
C LYS A 17 5.63 5.94 5.56
N ALA A 18 6.52 4.99 5.84
CA ALA A 18 7.56 5.20 6.84
C ALA A 18 8.68 6.08 6.31
N GLU A 19 8.93 7.19 7.00
CA GLU A 19 9.97 8.13 6.59
C GLU A 19 11.35 7.60 6.98
N GLU A 20 11.94 6.79 6.09
CA GLU A 20 13.25 6.22 6.33
C GLU A 20 13.28 5.45 7.64
N THR A 1 -3.33 -13.24 10.95
CA THR A 1 -3.97 -12.76 9.73
C THR A 1 -3.83 -11.24 9.59
N PRO A 2 -2.60 -10.78 9.32
CA PRO A 2 -2.31 -9.36 9.16
C PRO A 2 -2.92 -8.79 7.88
N GLU A 3 -2.56 -7.55 7.55
CA GLU A 3 -3.07 -6.89 6.35
C GLU A 3 -1.94 -6.61 5.37
N GLU A 4 -0.98 -7.52 5.30
CA GLU A 4 0.16 -7.36 4.40
C GLU A 4 -0.31 -7.26 2.95
N HIS A 5 -1.21 -8.16 2.56
CA HIS A 5 -1.74 -8.17 1.20
C HIS A 5 -2.67 -6.99 0.97
N ASP A 6 -3.43 -6.63 1.99
CA ASP A 6 -4.36 -5.52 1.90
C ASP A 6 -3.64 -4.22 1.58
N LEU A 7 -2.66 -3.87 2.42
CA LEU A 7 -1.89 -2.65 2.24
C LEU A 7 -1.05 -2.74 0.97
N LEU A 8 -0.53 -3.92 0.68
CA LEU A 8 0.29 -4.14 -0.51
C LEU A 8 -0.44 -3.71 -1.77
N MET A 9 -1.73 -4.04 -1.84
CA MET A 9 -2.54 -3.68 -2.99
C MET A 9 -3.52 -2.56 -2.64
N ASP A 10 -3.08 -1.63 -1.81
CA ASP A 10 -3.91 -0.50 -1.40
C ASP A 10 -4.49 0.22 -2.61
N LEU A 11 -5.46 1.09 -2.36
CA LEU A 11 -6.10 1.86 -3.43
C LEU A 11 -5.81 3.34 -3.30
N MET A 12 -5.76 3.82 -2.05
CA MET A 12 -5.49 5.22 -1.79
C MET A 12 -3.99 5.49 -1.71
N GLY A 13 -3.61 6.75 -1.82
CA GLY A 13 -2.20 7.11 -1.77
C GLY A 13 -1.93 8.23 -0.78
N ASP A 14 -0.69 8.32 -0.31
CA ASP A 14 -0.31 9.35 0.64
C ASP A 14 0.62 10.38 -0.01
N PRO A 15 0.73 11.56 0.60
CA PRO A 15 1.57 12.65 0.10
C PRO A 15 3.05 12.34 0.24
N LYS A 16 3.41 11.62 1.30
CA LYS A 16 4.80 11.26 1.55
C LYS A 16 4.99 9.75 1.39
N LYS A 17 4.68 9.23 0.22
CA LYS A 17 4.83 7.80 -0.05
C LYS A 17 6.23 7.33 0.31
N ALA A 18 7.22 8.18 0.07
CA ALA A 18 8.60 7.85 0.38
C ALA A 18 8.99 8.32 1.78
N GLU A 19 10.24 8.07 2.17
CA GLU A 19 10.73 8.46 3.48
C GLU A 19 11.21 9.91 3.47
N GLU A 20 12.25 10.18 2.70
CA GLU A 20 12.81 11.53 2.61
C GLU A 20 12.10 12.33 1.53
N THR A 1 2.26 -7.77 12.26
CA THR A 1 1.83 -6.76 11.30
C THR A 1 1.06 -7.39 10.15
N PRO A 2 -0.18 -7.84 10.44
CA PRO A 2 -1.03 -8.47 9.43
C PRO A 2 -1.53 -7.48 8.39
N GLU A 3 -2.46 -7.93 7.55
CA GLU A 3 -3.02 -7.08 6.50
C GLU A 3 -1.94 -6.66 5.51
N GLU A 4 -1.01 -7.57 5.24
CA GLU A 4 0.07 -7.29 4.30
C GLU A 4 -0.46 -7.12 2.88
N HIS A 5 -1.27 -8.08 2.44
CA HIS A 5 -1.84 -8.04 1.10
C HIS A 5 -2.76 -6.83 0.94
N ASP A 6 -3.46 -6.48 2.02
CA ASP A 6 -4.37 -5.34 1.99
C ASP A 6 -3.63 -4.06 1.67
N LEU A 7 -2.61 -3.74 2.47
CA LEU A 7 -1.82 -2.53 2.25
C LEU A 7 -0.98 -2.65 0.99
N LEU A 8 -0.48 -3.85 0.72
CA LEU A 8 0.33 -4.10 -0.46
C LEU A 8 -0.41 -3.70 -1.73
N MET A 9 -1.66 -4.12 -1.84
CA MET A 9 -2.48 -3.80 -3.01
C MET A 9 -3.50 -2.73 -2.68
N ASP A 10 -3.09 -1.77 -1.85
CA ASP A 10 -3.97 -0.68 -1.46
C ASP A 10 -4.50 0.07 -2.67
N LEU A 11 -5.48 0.95 -2.45
CA LEU A 11 -6.06 1.72 -3.54
C LEU A 11 -5.61 3.18 -3.48
N MET A 12 -5.50 3.71 -2.27
CA MET A 12 -5.07 5.09 -2.08
C MET A 12 -3.55 5.19 -2.05
N GLY A 13 -3.00 6.22 -2.69
CA GLY A 13 -1.56 6.41 -2.72
C GLY A 13 -1.16 7.85 -2.52
N ASP A 14 -0.17 8.30 -3.28
CA ASP A 14 0.31 9.68 -3.17
C ASP A 14 -0.71 10.65 -3.76
N PRO A 15 -0.59 11.93 -3.39
CA PRO A 15 -1.48 12.99 -3.87
C PRO A 15 -1.27 13.31 -5.34
N LYS A 16 0.00 13.30 -5.77
CA LYS A 16 0.34 13.58 -7.15
C LYS A 16 0.99 12.37 -7.81
N LYS A 17 0.25 11.27 -7.86
CA LYS A 17 0.76 10.03 -8.47
C LYS A 17 1.27 10.30 -9.87
N ALA A 18 0.61 11.19 -10.59
CA ALA A 18 1.01 11.54 -11.95
C ALA A 18 2.48 11.96 -12.00
N GLU A 19 2.75 13.16 -11.52
CA GLU A 19 4.12 13.69 -11.51
C GLU A 19 5.06 12.75 -10.74
N GLU A 20 6.13 12.34 -11.39
CA GLU A 20 7.10 11.44 -10.78
C GLU A 20 8.01 12.20 -9.82
N THR A 1 -2.74 -13.26 11.24
CA THR A 1 -3.48 -12.85 10.05
C THR A 1 -3.41 -11.34 9.86
N PRO A 2 -2.22 -10.85 9.51
CA PRO A 2 -2.00 -9.41 9.29
C PRO A 2 -2.69 -8.91 8.02
N GLU A 3 -2.38 -7.68 7.64
CA GLU A 3 -2.97 -7.09 6.44
C GLU A 3 -1.90 -6.66 5.46
N GLU A 4 -0.87 -7.48 5.32
CA GLU A 4 0.24 -7.20 4.42
C GLU A 4 -0.25 -7.14 2.97
N HIS A 5 -1.14 -8.07 2.62
CA HIS A 5 -1.68 -8.13 1.27
C HIS A 5 -2.67 -6.99 1.02
N ASP A 6 -3.49 -6.71 2.03
CA ASP A 6 -4.48 -5.64 1.93
C ASP A 6 -3.81 -4.32 1.59
N LEU A 7 -2.82 -3.93 2.39
CA LEU A 7 -2.11 -2.67 2.18
C LEU A 7 -1.25 -2.75 0.92
N LEU A 8 -0.67 -3.93 0.67
CA LEU A 8 0.17 -4.13 -0.50
C LEU A 8 -0.54 -3.70 -1.76
N MET A 9 -1.81 -4.09 -1.89
CA MET A 9 -2.60 -3.74 -3.06
C MET A 9 -3.59 -2.63 -2.73
N ASP A 10 -3.12 -1.63 -1.99
CA ASP A 10 -3.96 -0.50 -1.61
C ASP A 10 -3.63 0.73 -2.45
N LEU A 11 -4.51 1.72 -2.41
CA LEU A 11 -4.32 2.95 -3.17
C LEU A 11 -4.00 4.12 -2.24
N MET A 12 -4.64 4.13 -1.08
CA MET A 12 -4.42 5.19 -0.09
C MET A 12 -3.14 4.94 0.69
N GLY A 13 -2.62 6.01 1.31
CA GLY A 13 -1.40 5.90 2.08
C GLY A 13 -0.45 7.04 1.85
N ASP A 14 0.77 6.93 2.37
CA ASP A 14 1.78 7.97 2.21
C ASP A 14 2.95 7.47 1.38
N PRO A 15 3.72 8.41 0.81
CA PRO A 15 4.89 8.08 0.00
C PRO A 15 6.03 7.49 0.82
N LYS A 16 6.17 7.95 2.06
CA LYS A 16 7.21 7.46 2.95
C LYS A 16 6.73 6.27 3.76
N LYS A 17 6.12 5.31 3.08
CA LYS A 17 5.61 4.11 3.74
C LYS A 17 6.75 3.32 4.40
N ALA A 18 7.90 3.30 3.73
CA ALA A 18 9.06 2.59 4.25
C ALA A 18 10.36 3.26 3.82
N GLU A 19 11.26 3.48 4.77
CA GLU A 19 12.54 4.12 4.48
C GLU A 19 13.46 3.18 3.72
N GLU A 20 13.75 2.03 4.31
CA GLU A 20 14.63 1.04 3.69
C GLU A 20 13.81 -0.01 2.93
N THR A 1 3.29 -5.26 10.49
CA THR A 1 1.87 -5.38 10.83
C THR A 1 1.16 -6.33 9.87
N PRO A 2 0.00 -6.85 10.31
CA PRO A 2 -0.80 -7.77 9.50
C PRO A 2 -1.45 -7.08 8.31
N GLU A 3 -2.34 -7.80 7.63
CA GLU A 3 -3.03 -7.26 6.46
C GLU A 3 -2.03 -6.75 5.42
N GLU A 4 -0.92 -7.46 5.29
CA GLU A 4 0.12 -7.09 4.34
C GLU A 4 -0.43 -7.08 2.91
N HIS A 5 -1.24 -8.09 2.58
CA HIS A 5 -1.83 -8.19 1.26
C HIS A 5 -2.75 -7.01 0.98
N ASP A 6 -3.46 -6.55 2.01
CA ASP A 6 -4.38 -5.43 1.87
C ASP A 6 -3.61 -4.14 1.58
N LEU A 7 -2.68 -3.78 2.45
CA LEU A 7 -1.88 -2.58 2.29
C LEU A 7 -1.05 -2.65 1.01
N LEU A 8 -0.57 -3.85 0.69
CA LEU A 8 0.25 -4.06 -0.50
C LEU A 8 -0.52 -3.64 -1.76
N MET A 9 -1.73 -4.14 -1.90
CA MET A 9 -2.56 -3.81 -3.05
C MET A 9 -3.56 -2.71 -2.71
N ASP A 10 -3.12 -1.77 -1.89
CA ASP A 10 -3.97 -0.64 -1.49
C ASP A 10 -4.05 0.41 -2.58
N LEU A 11 -4.88 1.41 -2.38
CA LEU A 11 -5.05 2.49 -3.35
C LEU A 11 -4.36 3.76 -2.87
N MET A 12 -4.41 4.01 -1.57
CA MET A 12 -3.79 5.20 -0.99
C MET A 12 -2.58 4.81 -0.14
N GLY A 13 -1.46 5.47 -0.40
CA GLY A 13 -0.24 5.18 0.35
C GLY A 13 1.00 5.20 -0.53
N ASP A 14 2.13 4.80 0.05
CA ASP A 14 3.38 4.76 -0.69
C ASP A 14 3.84 3.32 -0.92
N PRO A 15 4.74 3.14 -1.90
CA PRO A 15 5.27 1.81 -2.24
C PRO A 15 6.19 1.27 -1.16
N LYS A 16 6.98 2.15 -0.56
CA LYS A 16 7.92 1.76 0.49
C LYS A 16 7.61 2.50 1.79
N LYS A 17 6.42 2.27 2.33
CA LYS A 17 6.01 2.91 3.57
C LYS A 17 7.03 2.67 4.68
N ALA A 18 7.52 1.43 4.77
CA ALA A 18 8.50 1.07 5.77
C ALA A 18 7.95 1.27 7.19
N GLU A 19 6.67 0.96 7.36
CA GLU A 19 6.02 1.11 8.66
C GLU A 19 6.56 0.09 9.66
N GLU A 20 6.77 0.53 10.90
CA GLU A 20 7.28 -0.35 11.94
C GLU A 20 6.30 -1.48 12.23
N THR A 1 -6.23 -12.48 10.80
CA THR A 1 -5.05 -12.42 9.95
C THR A 1 -4.59 -10.98 9.75
N PRO A 2 -3.32 -10.82 9.35
CA PRO A 2 -2.72 -9.49 9.12
C PRO A 2 -3.30 -8.81 7.89
N GLU A 3 -2.70 -7.68 7.51
CA GLU A 3 -3.15 -6.93 6.35
C GLU A 3 -2.00 -6.64 5.40
N GLU A 4 -1.09 -7.59 5.26
CA GLU A 4 0.08 -7.44 4.40
C GLU A 4 -0.36 -7.27 2.95
N HIS A 5 -1.35 -8.06 2.53
CA HIS A 5 -1.86 -8.00 1.17
C HIS A 5 -2.71 -6.75 0.96
N ASP A 6 -3.48 -6.39 1.98
CA ASP A 6 -4.34 -5.22 1.91
C ASP A 6 -3.53 -3.96 1.59
N LEU A 7 -2.48 -3.74 2.36
CA LEU A 7 -1.62 -2.57 2.16
C LEU A 7 -0.78 -2.72 0.89
N LEU A 8 -0.34 -3.95 0.63
CA LEU A 8 0.48 -4.23 -0.55
C LEU A 8 -0.21 -3.74 -1.81
N MET A 9 -1.52 -3.98 -1.91
CA MET A 9 -2.28 -3.55 -3.07
C MET A 9 -3.49 -2.72 -2.64
N ASP A 10 -3.28 -1.83 -1.68
CA ASP A 10 -4.35 -0.98 -1.18
C ASP A 10 -4.95 -0.14 -2.31
N LEU A 11 -6.05 0.53 -2.03
CA LEU A 11 -6.72 1.36 -3.01
C LEU A 11 -6.57 2.84 -2.68
N MET A 12 -6.59 3.16 -1.40
CA MET A 12 -6.44 4.54 -0.95
C MET A 12 -5.03 5.06 -1.24
N GLY A 13 -4.95 6.29 -1.73
CA GLY A 13 -3.65 6.87 -2.04
C GLY A 13 -3.39 6.93 -3.52
N ASP A 14 -2.24 6.40 -3.94
CA ASP A 14 -1.86 6.38 -5.35
C ASP A 14 -1.79 4.96 -5.87
N PRO A 15 -1.86 4.82 -7.21
CA PRO A 15 -1.81 3.50 -7.87
C PRO A 15 -0.43 2.87 -7.77
N LYS A 16 0.61 3.69 -7.90
CA LYS A 16 1.98 3.20 -7.82
C LYS A 16 2.24 2.13 -8.86
N LYS A 17 2.29 2.54 -10.12
CA LYS A 17 2.52 1.61 -11.23
C LYS A 17 3.78 0.78 -10.98
N ALA A 18 4.78 1.41 -10.37
CA ALA A 18 6.04 0.73 -10.07
C ALA A 18 5.88 -0.23 -8.90
N GLU A 19 6.35 -1.46 -9.07
CA GLU A 19 6.25 -2.47 -8.02
C GLU A 19 7.63 -2.86 -7.51
N GLU A 20 7.71 -3.20 -6.23
CA GLU A 20 8.97 -3.59 -5.62
C GLU A 20 9.23 -5.08 -5.79
N THR A 1 -4.21 -13.79 10.16
CA THR A 1 -3.07 -13.21 9.45
C THR A 1 -3.19 -11.70 9.37
N PRO A 2 -2.06 -11.02 9.14
CA PRO A 2 -2.01 -9.56 9.03
C PRO A 2 -2.69 -9.04 7.77
N GLU A 3 -2.55 -7.75 7.51
CA GLU A 3 -3.15 -7.14 6.33
C GLU A 3 -2.07 -6.73 5.32
N GLU A 4 -1.04 -7.55 5.22
CA GLU A 4 0.06 -7.28 4.29
C GLU A 4 -0.46 -7.14 2.86
N HIS A 5 -1.32 -8.07 2.46
CA HIS A 5 -1.89 -8.05 1.12
C HIS A 5 -2.74 -6.81 0.91
N ASP A 6 -3.43 -6.38 1.95
CA ASP A 6 -4.29 -5.20 1.87
C ASP A 6 -3.46 -3.95 1.60
N LEU A 7 -2.50 -3.69 2.47
CA LEU A 7 -1.63 -2.52 2.32
C LEU A 7 -0.80 -2.62 1.04
N LEU A 8 -0.37 -3.84 0.72
CA LEU A 8 0.44 -4.07 -0.47
C LEU A 8 -0.35 -3.75 -1.74
N MET A 9 -1.63 -4.12 -1.73
CA MET A 9 -2.49 -3.86 -2.88
C MET A 9 -3.59 -2.86 -2.53
N ASP A 10 -3.21 -1.83 -1.78
CA ASP A 10 -4.16 -0.80 -1.37
C ASP A 10 -4.70 -0.05 -2.59
N LEU A 11 -5.75 0.73 -2.38
CA LEU A 11 -6.36 1.51 -3.46
C LEU A 11 -6.09 2.99 -3.28
N MET A 12 -6.13 3.45 -2.04
CA MET A 12 -5.88 4.86 -1.73
C MET A 12 -4.45 5.25 -2.11
N GLY A 13 -4.32 6.34 -2.87
CA GLY A 13 -3.01 6.80 -3.27
C GLY A 13 -3.08 7.83 -4.39
N ASP A 14 -2.17 8.80 -4.34
CA ASP A 14 -2.14 9.86 -5.35
C ASP A 14 -2.04 9.26 -6.75
N PRO A 15 -2.39 10.07 -7.76
CA PRO A 15 -2.36 9.64 -9.16
C PRO A 15 -0.94 9.46 -9.68
N LYS A 16 -0.02 10.29 -9.18
CA LYS A 16 1.37 10.21 -9.59
C LYS A 16 2.26 9.71 -8.44
N LYS A 17 1.94 8.52 -7.95
CA LYS A 17 2.70 7.92 -6.86
C LYS A 17 4.19 7.92 -7.18
N ALA A 18 4.53 7.72 -8.44
CA ALA A 18 5.91 7.70 -8.88
C ALA A 18 6.66 8.94 -8.40
N GLU A 19 6.05 10.10 -8.63
CA GLU A 19 6.66 11.37 -8.22
C GLU A 19 5.96 11.94 -6.99
N GLU A 20 6.36 11.46 -5.82
CA GLU A 20 5.76 11.91 -4.57
C GLU A 20 5.96 13.42 -4.40
N THR A 1 -4.91 -12.89 11.23
CA THR A 1 -3.77 -12.64 10.35
C THR A 1 -3.64 -11.15 10.04
N PRO A 2 -2.43 -10.74 9.61
CA PRO A 2 -2.16 -9.34 9.26
C PRO A 2 -2.87 -8.91 7.98
N GLU A 3 -2.53 -7.72 7.51
CA GLU A 3 -3.14 -7.19 6.29
C GLU A 3 -2.07 -6.80 5.28
N GLU A 4 -1.00 -7.58 5.22
CA GLU A 4 0.10 -7.31 4.30
C GLU A 4 -0.41 -7.18 2.87
N HIS A 5 -1.41 -8.00 2.53
CA HIS A 5 -1.99 -7.97 1.18
C HIS A 5 -2.82 -6.72 0.99
N ASP A 6 -3.52 -6.30 2.04
CA ASP A 6 -4.37 -5.11 1.98
C ASP A 6 -3.53 -3.87 1.70
N LEU A 7 -2.48 -3.67 2.48
CA LEU A 7 -1.60 -2.51 2.33
C LEU A 7 -0.79 -2.63 1.04
N LEU A 8 -0.39 -3.85 0.71
CA LEU A 8 0.40 -4.10 -0.50
C LEU A 8 -0.33 -3.58 -1.73
N MET A 9 -1.50 -4.14 -2.01
CA MET A 9 -2.30 -3.73 -3.16
C MET A 9 -3.45 -2.84 -2.73
N ASP A 10 -3.20 -1.98 -1.76
CA ASP A 10 -4.22 -1.06 -1.25
C ASP A 10 -4.78 -0.21 -2.38
N LEU A 11 -5.89 0.48 -2.11
CA LEU A 11 -6.52 1.34 -3.10
C LEU A 11 -6.39 2.81 -2.71
N MET A 12 -6.50 3.08 -1.41
CA MET A 12 -6.39 4.45 -0.91
C MET A 12 -4.98 4.99 -1.12
N GLY A 13 -4.90 6.25 -1.56
CA GLY A 13 -3.60 6.87 -1.80
C GLY A 13 -3.25 7.87 -0.73
N ASP A 14 -1.98 8.30 -0.70
CA ASP A 14 -1.52 9.27 0.27
C ASP A 14 -2.12 10.65 -0.01
N PRO A 15 -2.10 11.51 1.02
CA PRO A 15 -2.65 12.87 0.92
C PRO A 15 -1.81 13.76 0.02
N LYS A 16 -0.49 13.61 0.11
CA LYS A 16 0.43 14.41 -0.71
C LYS A 16 1.84 13.84 -0.64
N LYS A 17 2.12 12.84 -1.46
CA LYS A 17 3.42 12.21 -1.50
C LYS A 17 4.51 13.22 -1.84
N ALA A 18 4.17 14.17 -2.71
CA ALA A 18 5.12 15.20 -3.12
C ALA A 18 5.26 16.27 -2.05
N GLU A 19 6.01 17.32 -2.35
CA GLU A 19 6.23 18.41 -1.41
C GLU A 19 7.05 19.53 -2.05
N GLU A 20 6.94 20.72 -1.48
CA GLU A 20 7.67 21.88 -1.99
C GLU A 20 9.08 21.94 -1.40
N THR A 1 -3.29 -13.36 11.45
CA THR A 1 -4.00 -12.94 10.25
C THR A 1 -3.82 -11.44 10.01
N PRO A 2 -2.60 -11.05 9.62
CA PRO A 2 -2.26 -9.65 9.34
C PRO A 2 -2.94 -9.13 8.07
N GLU A 3 -2.56 -7.93 7.65
CA GLU A 3 -3.14 -7.33 6.45
C GLU A 3 -2.04 -6.87 5.49
N GLU A 4 -0.96 -7.64 5.44
CA GLU A 4 0.17 -7.31 4.56
C GLU A 4 -0.29 -7.18 3.11
N HIS A 5 -1.16 -8.09 2.69
CA HIS A 5 -1.67 -8.08 1.32
C HIS A 5 -2.61 -6.90 1.10
N ASP A 6 -3.36 -6.55 2.14
CA ASP A 6 -4.31 -5.43 2.06
C ASP A 6 -3.58 -4.15 1.68
N LEU A 7 -2.59 -3.77 2.48
CA LEU A 7 -1.82 -2.55 2.22
C LEU A 7 -1.07 -2.66 0.91
N LEU A 8 -0.61 -3.86 0.59
CA LEU A 8 0.14 -4.10 -0.65
C LEU A 8 -0.63 -3.55 -1.85
N MET A 9 -1.79 -4.13 -2.12
CA MET A 9 -2.62 -3.70 -3.24
C MET A 9 -3.60 -2.61 -2.81
N ASP A 10 -3.10 -1.64 -2.05
CA ASP A 10 -3.93 -0.54 -1.57
C ASP A 10 -4.22 0.46 -2.70
N LEU A 11 -5.24 1.28 -2.51
CA LEU A 11 -5.62 2.27 -3.50
C LEU A 11 -5.21 3.68 -3.06
N MET A 12 -5.33 3.94 -1.76
CA MET A 12 -4.97 5.23 -1.20
C MET A 12 -3.45 5.41 -1.19
N GLY A 13 -2.96 6.35 -1.99
CA GLY A 13 -1.53 6.60 -2.05
C GLY A 13 -1.01 6.67 -3.47
N ASP A 14 0.26 7.01 -3.62
CA ASP A 14 0.89 7.11 -4.93
C ASP A 14 2.02 6.11 -5.08
N PRO A 15 2.40 5.82 -6.33
CA PRO A 15 3.48 4.87 -6.63
C PRO A 15 4.85 5.43 -6.25
N LYS A 16 5.01 6.74 -6.38
CA LYS A 16 6.27 7.39 -6.05
C LYS A 16 6.20 8.06 -4.68
N LYS A 17 5.70 7.31 -3.69
CA LYS A 17 5.58 7.82 -2.33
C LYS A 17 6.92 8.32 -1.83
N ALA A 18 7.98 7.57 -2.10
CA ALA A 18 9.32 7.94 -1.67
C ALA A 18 9.99 8.85 -2.70
N GLU A 19 10.41 8.28 -3.82
CA GLU A 19 11.07 9.04 -4.87
C GLU A 19 10.21 10.22 -5.30
N GLU A 20 10.86 11.34 -5.59
CA GLU A 20 10.17 12.55 -6.01
C GLU A 20 10.32 12.78 -7.51
N THR A 1 1.96 -6.29 12.30
CA THR A 1 1.55 -5.58 11.10
C THR A 1 0.84 -6.51 10.12
N PRO A 2 -0.38 -6.93 10.49
CA PRO A 2 -1.20 -7.82 9.66
C PRO A 2 -1.70 -7.14 8.39
N GLU A 3 -2.58 -7.82 7.67
CA GLU A 3 -3.14 -7.27 6.44
C GLU A 3 -2.03 -6.83 5.49
N GLU A 4 -0.97 -7.62 5.42
CA GLU A 4 0.16 -7.31 4.55
C GLU A 4 -0.29 -7.18 3.10
N HIS A 5 -1.14 -8.10 2.66
CA HIS A 5 -1.66 -8.09 1.30
C HIS A 5 -2.59 -6.90 1.08
N ASP A 6 -3.36 -6.56 2.11
CA ASP A 6 -4.30 -5.45 2.04
C ASP A 6 -3.58 -4.15 1.66
N LEU A 7 -2.60 -3.78 2.48
CA LEU A 7 -1.83 -2.56 2.23
C LEU A 7 -1.07 -2.65 0.91
N LEU A 8 -0.61 -3.86 0.58
CA LEU A 8 0.14 -4.07 -0.65
C LEU A 8 -0.62 -3.53 -1.86
N MET A 9 -1.76 -4.14 -2.14
CA MET A 9 -2.59 -3.71 -3.26
C MET A 9 -3.62 -2.68 -2.83
N ASP A 10 -3.18 -1.70 -2.04
CA ASP A 10 -4.05 -0.65 -1.55
C ASP A 10 -4.03 0.56 -2.48
N LEU A 11 -4.62 1.66 -2.04
CA LEU A 11 -4.67 2.88 -2.83
C LEU A 11 -3.28 3.27 -3.33
N MET A 12 -2.28 3.00 -2.50
CA MET A 12 -0.90 3.32 -2.86
C MET A 12 -0.54 2.73 -4.22
N GLY A 13 0.14 3.53 -5.05
CA GLY A 13 0.52 3.06 -6.37
C GLY A 13 0.44 4.16 -7.41
N ASP A 14 0.98 3.90 -8.59
CA ASP A 14 0.97 4.87 -9.68
C ASP A 14 -0.35 4.80 -10.44
N PRO A 15 -0.67 5.88 -11.18
CA PRO A 15 -1.89 5.97 -11.97
C PRO A 15 -1.89 5.03 -13.17
N LYS A 16 -0.73 4.94 -13.83
CA LYS A 16 -0.59 4.07 -15.00
C LYS A 16 0.26 2.85 -14.66
N LYS A 17 -0.15 2.11 -13.65
CA LYS A 17 0.57 0.91 -13.23
C LYS A 17 0.80 -0.03 -14.41
N ALA A 18 -0.21 -0.17 -15.26
CA ALA A 18 -0.12 -1.03 -16.43
C ALA A 18 0.14 -0.22 -17.69
N GLU A 19 1.14 -0.64 -18.46
CA GLU A 19 1.49 0.06 -19.69
C GLU A 19 0.59 -0.36 -20.84
N GLU A 20 0.31 -1.66 -20.92
CA GLU A 20 -0.54 -2.20 -21.97
C GLU A 20 -2.02 -2.11 -21.57
N THR A 1 2.00 -5.90 12.00
CA THR A 1 1.55 -5.25 10.78
C THR A 1 0.84 -6.24 9.86
N PRO A 2 -0.36 -6.67 10.27
CA PRO A 2 -1.16 -7.63 9.50
C PRO A 2 -1.71 -7.01 8.21
N GLU A 3 -2.58 -7.75 7.55
CA GLU A 3 -3.19 -7.28 6.29
C GLU A 3 -2.11 -6.87 5.30
N GLU A 4 -1.00 -7.59 5.30
CA GLU A 4 0.11 -7.31 4.40
C GLU A 4 -0.37 -7.21 2.95
N HIS A 5 -1.36 -8.03 2.61
CA HIS A 5 -1.91 -8.04 1.27
C HIS A 5 -2.76 -6.79 1.01
N ASP A 6 -3.46 -6.33 2.05
CA ASP A 6 -4.29 -5.15 1.94
C ASP A 6 -3.45 -3.91 1.62
N LEU A 7 -2.47 -3.65 2.47
CA LEU A 7 -1.58 -2.49 2.28
C LEU A 7 -0.80 -2.61 0.98
N LEU A 8 -0.40 -3.84 0.66
CA LEU A 8 0.36 -4.09 -0.56
C LEU A 8 -0.39 -3.57 -1.79
N MET A 9 -1.58 -4.13 -2.03
CA MET A 9 -2.39 -3.73 -3.17
C MET A 9 -3.54 -2.82 -2.72
N ASP A 10 -3.23 -1.89 -1.83
CA ASP A 10 -4.24 -0.96 -1.32
C ASP A 10 -4.69 -0.01 -2.41
N LEU A 11 -5.70 0.80 -2.10
CA LEU A 11 -6.24 1.76 -3.06
C LEU A 11 -5.94 3.19 -2.61
N MET A 12 -6.03 3.43 -1.31
CA MET A 12 -5.78 4.76 -0.76
C MET A 12 -4.27 4.99 -0.58
N GLY A 13 -3.80 6.13 -1.05
CA GLY A 13 -2.38 6.45 -0.94
C GLY A 13 -1.84 7.15 -2.17
N ASP A 14 -0.56 7.48 -2.13
CA ASP A 14 0.08 8.17 -3.25
C ASP A 14 1.20 7.32 -3.85
N PRO A 15 1.58 7.61 -5.10
CA PRO A 15 2.63 6.88 -5.81
C PRO A 15 4.00 7.14 -5.22
N LYS A 16 4.22 8.36 -4.74
CA LYS A 16 5.50 8.73 -4.15
C LYS A 16 5.40 8.77 -2.63
N LYS A 17 4.96 7.66 -2.04
CA LYS A 17 4.82 7.56 -0.59
C LYS A 17 6.19 7.59 0.09
N ALA A 18 7.18 6.97 -0.57
CA ALA A 18 8.53 6.92 -0.03
C ALA A 18 9.36 8.11 -0.52
N GLU A 19 9.98 8.81 0.43
CA GLU A 19 10.81 9.97 0.09
C GLU A 19 11.98 9.57 -0.79
N GLU A 20 12.54 8.39 -0.54
CA GLU A 20 13.67 7.89 -1.31
C GLU A 20 13.19 7.14 -2.55
N THR A 1 3.36 -6.84 11.15
CA THR A 1 2.01 -6.32 11.09
C THR A 1 1.18 -7.06 10.04
N PRO A 2 -0.04 -7.44 10.41
CA PRO A 2 -0.96 -8.16 9.52
C PRO A 2 -1.47 -7.29 8.38
N GLU A 3 -2.43 -7.80 7.63
CA GLU A 3 -3.01 -7.07 6.51
C GLU A 3 -1.93 -6.65 5.53
N GLU A 4 -0.94 -7.51 5.34
CA GLU A 4 0.16 -7.23 4.42
C GLU A 4 -0.35 -7.15 2.99
N HIS A 5 -1.19 -8.09 2.60
CA HIS A 5 -1.76 -8.12 1.25
C HIS A 5 -2.67 -6.92 1.02
N ASP A 6 -3.51 -6.62 1.99
CA ASP A 6 -4.43 -5.49 1.88
C ASP A 6 -3.68 -4.21 1.53
N LEU A 7 -2.70 -3.86 2.36
CA LEU A 7 -1.91 -2.65 2.14
C LEU A 7 -1.04 -2.79 0.89
N LEU A 8 -0.53 -4.00 0.67
CA LEU A 8 0.31 -4.27 -0.48
C LEU A 8 -0.36 -3.81 -1.77
N MET A 9 -1.67 -4.01 -1.85
CA MET A 9 -2.42 -3.61 -3.03
C MET A 9 -3.57 -2.68 -2.65
N ASP A 10 -3.24 -1.56 -2.02
CA ASP A 10 -4.24 -0.59 -1.60
C ASP A 10 -4.21 0.65 -2.49
N LEU A 11 -4.92 1.69 -2.07
CA LEU A 11 -4.97 2.94 -2.83
C LEU A 11 -3.57 3.43 -3.15
N MET A 12 -2.64 3.22 -2.22
CA MET A 12 -1.26 3.65 -2.39
C MET A 12 -0.70 3.13 -3.72
N GLY A 13 0.35 3.78 -4.20
CA GLY A 13 0.96 3.38 -5.46
C GLY A 13 1.61 2.01 -5.37
N ASP A 14 2.66 1.80 -6.15
CA ASP A 14 3.37 0.53 -6.17
C ASP A 14 4.77 0.68 -5.57
N PRO A 15 5.36 -0.44 -5.14
CA PRO A 15 6.70 -0.46 -4.56
C PRO A 15 7.79 -0.16 -5.58
N LYS A 16 7.56 -0.59 -6.82
CA LYS A 16 8.52 -0.37 -7.89
C LYS A 16 8.03 0.70 -8.86
N LYS A 17 7.72 1.88 -8.32
CA LYS A 17 7.24 2.99 -9.13
C LYS A 17 8.17 3.24 -10.32
N ALA A 18 9.46 3.04 -10.11
CA ALA A 18 10.45 3.25 -11.16
C ALA A 18 10.08 2.44 -12.41
N GLU A 19 10.30 1.13 -12.35
CA GLU A 19 10.00 0.26 -13.48
C GLU A 19 8.50 0.16 -13.69
N GLU A 20 8.01 0.83 -14.73
CA GLU A 20 6.58 0.80 -15.05
C GLU A 20 6.25 -0.33 -16.01
N THR A 1 -3.70 -13.94 10.50
CA THR A 1 -2.73 -13.33 9.61
C THR A 1 -2.96 -11.82 9.50
N PRO A 2 -1.87 -11.06 9.32
CA PRO A 2 -1.93 -9.60 9.20
C PRO A 2 -2.58 -9.15 7.89
N GLU A 3 -2.52 -7.86 7.63
CA GLU A 3 -3.12 -7.30 6.41
C GLU A 3 -2.03 -6.84 5.45
N GLU A 4 -0.93 -7.58 5.39
CA GLU A 4 0.19 -7.24 4.52
C GLU A 4 -0.29 -7.14 3.06
N HIS A 5 -1.16 -8.05 2.67
CA HIS A 5 -1.68 -8.07 1.31
C HIS A 5 -2.63 -6.89 1.07
N ASP A 6 -3.43 -6.57 2.09
CA ASP A 6 -4.38 -5.46 2.00
C ASP A 6 -3.67 -4.17 1.61
N LEU A 7 -2.63 -3.82 2.36
CA LEU A 7 -1.87 -2.60 2.10
C LEU A 7 -1.04 -2.75 0.82
N LEU A 8 -0.50 -3.95 0.61
CA LEU A 8 0.31 -4.21 -0.57
C LEU A 8 -0.42 -3.80 -1.84
N MET A 9 -1.73 -4.03 -1.87
CA MET A 9 -2.55 -3.67 -3.02
C MET A 9 -3.64 -2.68 -2.63
N ASP A 10 -3.24 -1.55 -2.06
CA ASP A 10 -4.19 -0.52 -1.64
C ASP A 10 -4.18 0.65 -2.62
N LEU A 11 -4.84 1.73 -2.24
CA LEU A 11 -4.93 2.92 -3.08
C LEU A 11 -3.54 3.35 -3.55
N MET A 12 -2.55 3.18 -2.68
CA MET A 12 -1.18 3.54 -3.00
C MET A 12 -0.73 2.90 -4.31
N GLY A 13 -0.02 3.67 -5.13
CA GLY A 13 0.45 3.14 -6.40
C GLY A 13 1.86 3.60 -6.72
N ASP A 14 2.20 3.61 -8.01
CA ASP A 14 3.53 4.03 -8.45
C ASP A 14 3.60 5.54 -8.61
N PRO A 15 4.82 6.08 -8.62
CA PRO A 15 5.05 7.52 -8.76
C PRO A 15 4.72 8.02 -10.17
N LYS A 16 4.96 7.18 -11.16
CA LYS A 16 4.68 7.52 -12.55
C LYS A 16 5.25 8.90 -12.88
N LYS A 17 6.55 9.07 -12.68
CA LYS A 17 7.21 10.35 -12.96
C LYS A 17 7.12 10.68 -14.44
N ALA A 18 7.28 9.68 -15.28
CA ALA A 18 7.22 9.87 -16.74
C ALA A 18 5.83 10.32 -17.17
N GLU A 19 4.85 9.45 -16.98
CA GLU A 19 3.47 9.75 -17.35
C GLU A 19 2.66 10.17 -16.14
N GLU A 20 2.28 11.45 -16.08
CA GLU A 20 1.50 11.97 -14.97
C GLU A 20 0.14 11.30 -14.90
N THR A 1 -2.74 -13.01 11.77
CA THR A 1 -3.55 -12.71 10.60
C THR A 1 -3.44 -11.24 10.22
N PRO A 2 -2.27 -10.84 9.72
CA PRO A 2 -2.01 -9.45 9.31
C PRO A 2 -2.79 -9.07 8.05
N GLU A 3 -2.48 -7.89 7.51
CA GLU A 3 -3.14 -7.41 6.31
C GLU A 3 -2.13 -6.91 5.28
N GLU A 4 -0.95 -7.53 5.27
CA GLU A 4 0.11 -7.15 4.34
C GLU A 4 -0.42 -7.10 2.92
N HIS A 5 -1.36 -7.99 2.60
CA HIS A 5 -1.93 -8.05 1.27
C HIS A 5 -2.77 -6.80 0.98
N ASP A 6 -3.47 -6.33 2.00
CA ASP A 6 -4.31 -5.14 1.86
C ASP A 6 -3.46 -3.91 1.57
N LEU A 7 -2.52 -3.62 2.46
CA LEU A 7 -1.63 -2.48 2.30
C LEU A 7 -0.81 -2.58 1.02
N LEU A 8 -0.41 -3.81 0.68
CA LEU A 8 0.37 -4.06 -0.52
C LEU A 8 -0.42 -3.70 -1.77
N MET A 9 -1.66 -4.17 -1.84
CA MET A 9 -2.52 -3.90 -2.98
C MET A 9 -3.58 -2.85 -2.63
N ASP A 10 -3.19 -1.88 -1.81
CA ASP A 10 -4.10 -0.82 -1.39
C ASP A 10 -4.55 0.01 -2.59
N LEU A 11 -5.58 0.82 -2.38
CA LEU A 11 -6.11 1.67 -3.45
C LEU A 11 -5.77 3.13 -3.20
N MET A 12 -5.80 3.54 -1.94
CA MET A 12 -5.49 4.92 -1.56
C MET A 12 -3.98 5.12 -1.47
N GLY A 13 -3.52 6.28 -1.94
CA GLY A 13 -2.10 6.58 -1.91
C GLY A 13 -1.32 5.79 -2.94
N ASP A 14 -0.02 5.65 -2.70
CA ASP A 14 0.85 4.92 -3.62
C ASP A 14 1.47 3.70 -2.95
N PRO A 15 1.93 2.74 -3.76
CA PRO A 15 2.54 1.50 -3.26
C PRO A 15 3.91 1.76 -2.62
N LYS A 16 4.65 2.72 -3.18
CA LYS A 16 5.97 3.06 -2.66
C LYS A 16 6.86 1.83 -2.59
N LYS A 17 7.23 1.30 -3.75
CA LYS A 17 8.09 0.12 -3.83
C LYS A 17 9.36 0.32 -3.02
N ALA A 18 9.88 1.55 -3.02
CA ALA A 18 11.09 1.87 -2.28
C ALA A 18 10.97 1.44 -0.82
N GLU A 19 9.83 1.74 -0.21
CA GLU A 19 9.59 1.38 1.19
C GLU A 19 8.11 1.35 1.50
N GLU A 20 7.69 0.40 2.33
CA GLU A 20 6.29 0.27 2.72
C GLU A 20 5.80 1.52 3.43
#